data_7XK9
#
_entry.id   7XK9
#
_cell.length_a   49.600
_cell.length_b   66.560
_cell.length_c   302.720
_cell.angle_alpha   90.000
_cell.angle_beta   90.000
_cell.angle_gamma   90.000
#
_symmetry.space_group_name_H-M   'P 21 21 21'
#
loop_
_entity.id
_entity.type
_entity.pdbx_description
1 polymer 'Endolysin,Beta-2 adrenergic receptor'
2 polymer 'Camelid Antibody Fragment'
3 non-polymer (5R,6R)-6-(propan-2-ylamino)-5,6,7,8-tetrahydronaphthalene-1,2,5-triol
4 non-polymer 'SODIUM ION'
#
loop_
_entity_poly.entity_id
_entity_poly.type
_entity_poly.pdbx_seq_one_letter_code
_entity_poly.pdbx_strand_id
1 'polypeptide(L)'
;DYKDDDDAENLYFQGNIFEMLRIDEGLRLKIYKDTEGYYTIGIGHLLTKSPSLNAAKSELDKAIGRNTNGVITKDEAEKL
FNQDVDAAVRGILRNAKLKPVYDSLDAVRRAALINMVFQMGETGVAGFTNSLRMLQQKRWDEAAVNLAKSRWYNQTPNRA
KRVITTFRTGTWDAYAADEVWVVGMGIVMSLIVLAIVFGNVLVITAIAKFERLQTVTNYFITSLACADLVMGLAVVPFGA
AHILTKTWTFGNFWCEFWTSIDVLCVTASIETLCVIAVDRYFAITSPFKYQSLLTKNKARVIILMVWIVSGLTSFLPIQM
HWYRATHQEAINCYAEETCCDFFTNQAYAIASSIVSFYVPLVIMVFVYSRVFQEAKRQLQKIDKFALKEHKALKTLGIIM
GTFTLCWLPFFIVNIVHVIQDNLIRKEVYILLNWIGYVNSGFNPLIYCRSPDFRIAFQELLCLRRSSLK
;
A
2 'polypeptide(L)'
;QVQLQESGGGLVQAGGSLRLSCAASGSIFALNIMGWYRQAPGKQRELVAAIHSGGTTNYANSVKGRFTISRDNAANTVYL
QMNSLKPEDTAVYYCNVKDFGAIIYDYDYWGQGTQVTVSS
;
B
#
# COMPACT_ATOMS: atom_id res chain seq x y z
N ASP A 7 -7.34 6.88 45.15
CA ASP A 7 -7.32 5.98 44.01
C ASP A 7 -8.40 6.36 43.00
N ALA A 8 -9.18 5.37 42.57
CA ALA A 8 -10.23 5.58 41.57
C ALA A 8 -9.64 6.06 40.24
N GLU A 9 -8.55 5.43 39.81
CA GLU A 9 -7.85 5.80 38.58
C GLU A 9 -7.84 4.61 37.63
N ASN A 10 -8.79 4.59 36.69
CA ASN A 10 -8.71 3.71 35.52
C ASN A 10 -8.82 4.51 34.23
N LEU A 11 -8.00 5.46 34.06
CA LEU A 11 -7.73 6.04 32.76
C LEU A 11 -6.56 5.29 32.12
N TYR A 12 -6.04 5.83 31.11
CA TYR A 12 -5.02 5.08 30.39
C TYR A 12 -3.64 5.58 30.80
N PHE A 13 -2.67 4.64 30.82
CA PHE A 13 -1.35 4.85 31.41
C PHE A 13 -1.41 5.23 32.88
N GLN A 14 -1.63 4.27 33.77
CA GLN A 14 -1.28 4.48 35.17
C GLN A 14 0.23 4.49 35.33
N GLY A 15 0.69 5.14 36.40
CA GLY A 15 2.10 5.13 36.74
C GLY A 15 2.52 3.89 37.52
N ASN A 16 3.40 3.07 36.93
CA ASN A 16 3.84 1.85 37.58
C ASN A 16 5.10 1.34 36.90
N ILE A 17 5.87 0.55 37.65
CA ILE A 17 7.04 -0.13 37.09
C ILE A 17 6.64 -1.14 36.04
N PHE A 18 5.40 -1.62 36.08
CA PHE A 18 4.94 -2.63 35.14
C PHE A 18 4.93 -2.10 33.71
N GLU A 19 4.22 -0.98 33.48
CA GLU A 19 4.29 -0.36 32.15
C GLU A 19 5.65 0.23 31.84
N MET A 20 6.36 0.74 32.86
CA MET A 20 7.66 1.34 32.57
C MET A 20 8.58 0.33 31.92
N LEU A 21 8.56 -0.90 32.44
CA LEU A 21 9.45 -1.95 31.95
C LEU A 21 8.96 -2.57 30.65
N ARG A 22 7.65 -2.60 30.40
CA ARG A 22 7.20 -3.09 29.10
C ARG A 22 7.79 -2.24 27.98
N ILE A 23 7.95 -0.94 28.21
CA ILE A 23 8.39 -0.05 27.14
C ILE A 23 9.89 -0.20 26.91
N ASP A 24 10.66 -0.34 27.98
CA ASP A 24 12.10 -0.50 27.85
C ASP A 24 12.49 -1.88 27.37
N GLU A 25 11.72 -2.94 27.72
CA GLU A 25 12.06 -4.30 27.38
C GLU A 25 11.33 -4.80 26.14
N GLY A 26 10.03 -4.62 26.12
CA GLY A 26 9.25 -5.15 25.03
C GLY A 26 8.99 -6.63 25.22
N LEU A 27 7.81 -7.08 24.85
CA LEU A 27 7.46 -8.50 24.95
C LEU A 27 7.91 -9.22 23.69
N ARG A 28 8.50 -10.41 23.87
CA ARG A 28 9.11 -11.15 22.76
C ARG A 28 9.14 -12.62 23.18
N LEU A 29 8.33 -13.47 22.53
CA LEU A 29 8.10 -14.82 23.06
C LEU A 29 9.27 -15.78 22.82
N LYS A 30 9.99 -15.65 21.70
CA LYS A 30 11.13 -16.50 21.40
C LYS A 30 12.41 -15.94 22.02
N ILE A 31 13.39 -16.82 22.25
CA ILE A 31 14.66 -16.39 22.81
C ILE A 31 15.33 -15.41 21.85
N TYR A 32 16.01 -14.42 22.42
CA TYR A 32 16.70 -13.42 21.61
C TYR A 32 17.90 -12.91 22.38
N LYS A 33 18.89 -12.41 21.65
CA LYS A 33 20.06 -11.78 22.23
C LYS A 33 19.77 -10.30 22.47
N ASP A 34 20.04 -9.82 23.69
CA ASP A 34 19.73 -8.44 24.02
C ASP A 34 20.75 -7.54 23.30
N THR A 35 20.79 -6.27 23.70
CA THR A 35 21.71 -5.33 23.09
C THR A 35 23.16 -5.76 23.31
N GLU A 36 23.45 -6.46 24.40
CA GLU A 36 24.81 -6.93 24.66
C GLU A 36 25.11 -8.24 23.94
N GLY A 37 24.10 -9.07 23.69
CA GLY A 37 24.29 -10.42 23.19
C GLY A 37 23.92 -11.53 24.14
N TYR A 38 23.42 -11.21 25.34
CA TYR A 38 22.95 -12.24 26.26
C TYR A 38 21.60 -12.81 25.84
N TYR A 39 21.38 -14.08 26.20
CA TYR A 39 20.14 -14.77 25.84
C TYR A 39 19.01 -14.33 26.76
N THR A 40 17.92 -13.86 26.15
CA THR A 40 16.82 -13.26 26.88
C THR A 40 15.50 -13.68 26.26
N ILE A 41 14.44 -13.67 27.06
CA ILE A 41 13.11 -14.10 26.64
C ILE A 41 12.08 -13.29 27.41
N GLY A 42 10.83 -13.36 26.96
CA GLY A 42 9.75 -12.67 27.65
C GLY A 42 9.98 -11.18 27.68
N ILE A 43 9.77 -10.58 28.85
CA ILE A 43 9.97 -9.14 29.01
C ILE A 43 11.25 -8.88 29.78
N GLY A 44 12.37 -8.84 29.07
CA GLY A 44 13.64 -8.54 29.72
C GLY A 44 14.12 -9.60 30.68
N HIS A 45 13.72 -10.85 30.46
CA HIS A 45 14.16 -11.95 31.32
C HIS A 45 15.54 -12.43 30.88
N LEU A 46 16.53 -12.29 31.76
CA LEU A 46 17.86 -12.81 31.47
C LEU A 46 17.87 -14.31 31.76
N LEU A 47 18.22 -15.10 30.76
CA LEU A 47 18.21 -16.56 30.89
C LEU A 47 19.53 -17.07 31.47
N THR A 48 20.63 -16.84 30.76
CA THR A 48 21.93 -17.29 31.24
C THR A 48 23.01 -16.47 30.54
N LYS A 49 24.18 -16.43 31.18
CA LYS A 49 25.36 -15.81 30.60
C LYS A 49 26.17 -16.77 29.74
N SER A 50 25.83 -18.06 29.73
CA SER A 50 26.52 -19.01 28.86
C SER A 50 26.11 -18.75 27.40
N PRO A 51 27.07 -18.60 26.48
CA PRO A 51 26.73 -18.24 25.09
C PRO A 51 26.01 -19.32 24.31
N SER A 52 25.96 -20.56 24.79
CA SER A 52 25.33 -21.64 24.04
C SER A 52 23.81 -21.57 24.19
N LEU A 53 23.11 -21.58 23.05
CA LEU A 53 21.65 -21.48 23.09
C LEU A 53 21.01 -22.66 23.80
N ASN A 54 21.64 -23.84 23.74
CA ASN A 54 21.09 -25.00 24.45
C ASN A 54 21.15 -24.82 25.96
N ALA A 55 22.17 -24.11 26.46
CA ALA A 55 22.21 -23.78 27.88
C ALA A 55 21.12 -22.78 28.26
N ALA A 56 20.72 -21.91 27.33
CA ALA A 56 19.63 -20.98 27.59
C ALA A 56 18.29 -21.70 27.67
N LYS A 57 18.06 -22.66 26.76
CA LYS A 57 16.83 -23.43 26.82
C LYS A 57 16.71 -24.21 28.13
N SER A 58 17.84 -24.66 28.66
CA SER A 58 17.82 -25.49 29.87
C SER A 58 17.36 -24.69 31.08
N GLU A 59 17.78 -23.42 31.18
CA GLU A 59 17.29 -22.57 32.27
C GLU A 59 15.83 -22.21 32.06
N LEU A 60 15.45 -21.93 30.80
CA LEU A 60 14.07 -21.60 30.50
C LEU A 60 13.13 -22.77 30.77
N ASP A 61 13.54 -23.98 30.36
CA ASP A 61 12.70 -25.14 30.59
C ASP A 61 12.57 -25.49 32.06
N LYS A 62 13.58 -25.16 32.87
CA LYS A 62 13.48 -25.37 34.31
C LYS A 62 12.65 -24.27 34.95
N ALA A 63 12.85 -23.02 34.53
CA ALA A 63 12.08 -21.91 35.08
C ALA A 63 10.61 -21.94 34.67
N ILE A 64 10.29 -22.62 33.56
CA ILE A 64 8.90 -22.76 33.16
C ILE A 64 8.28 -24.08 33.63
N GLY A 65 9.08 -25.11 33.88
CA GLY A 65 8.53 -26.42 34.15
C GLY A 65 7.96 -27.11 32.93
N ARG A 66 8.56 -26.90 31.76
CA ARG A 66 8.00 -27.41 30.52
C ARG A 66 9.10 -27.45 29.46
N ASN A 67 8.85 -28.20 28.38
CA ASN A 67 9.71 -28.19 27.21
C ASN A 67 9.28 -27.04 26.30
N THR A 68 9.85 -25.85 26.55
CA THR A 68 9.46 -24.65 25.80
C THR A 68 9.98 -24.69 24.37
N ASN A 69 11.07 -25.41 24.11
CA ASN A 69 11.76 -25.31 22.82
C ASN A 69 12.25 -23.88 22.57
N GLY A 70 12.47 -23.13 23.64
CA GLY A 70 12.89 -21.74 23.52
C GLY A 70 11.77 -20.77 23.23
N VAL A 71 10.51 -21.18 23.34
CA VAL A 71 9.37 -20.33 23.06
C VAL A 71 8.33 -20.51 24.16
N ILE A 72 7.91 -19.38 24.75
CA ILE A 72 6.91 -19.36 25.81
C ILE A 72 5.67 -18.62 25.33
N THR A 73 4.56 -18.87 26.01
CA THR A 73 3.28 -18.22 25.75
C THR A 73 3.20 -16.84 26.42
N LYS A 74 2.30 -16.01 25.88
CA LYS A 74 2.10 -14.68 26.44
C LYS A 74 1.68 -14.75 27.90
N ASP A 75 0.98 -15.81 28.31
CA ASP A 75 0.68 -15.98 29.73
C ASP A 75 1.94 -16.28 30.53
N GLU A 76 2.81 -17.15 30.01
CA GLU A 76 4.04 -17.47 30.73
C GLU A 76 4.97 -16.27 30.82
N ALA A 77 4.99 -15.42 29.79
CA ALA A 77 5.86 -14.25 29.83
C ALA A 77 5.42 -13.27 30.90
N GLU A 78 4.11 -13.10 31.07
CA GLU A 78 3.62 -12.19 32.10
C GLU A 78 3.99 -12.67 33.49
N LYS A 79 4.01 -13.99 33.70
CA LYS A 79 4.34 -14.51 35.02
C LYS A 79 5.83 -14.42 35.29
N LEU A 80 6.66 -14.61 34.27
CA LEU A 80 8.10 -14.35 34.46
C LEU A 80 8.35 -12.86 34.67
N PHE A 81 7.51 -12.00 34.11
CA PHE A 81 7.74 -10.56 34.25
C PHE A 81 7.41 -10.11 35.67
N ASN A 82 6.28 -10.57 36.21
CA ASN A 82 5.97 -10.25 37.60
C ASN A 82 6.95 -10.88 38.56
N GLN A 83 7.50 -12.06 38.23
CA GLN A 83 8.48 -12.67 39.11
C GLN A 83 9.78 -11.87 39.12
N ASP A 84 10.26 -11.47 37.94
CA ASP A 84 11.48 -10.67 37.90
C ASP A 84 11.27 -9.32 38.56
N VAL A 85 10.05 -8.77 38.48
CA VAL A 85 9.78 -7.49 39.15
C VAL A 85 9.72 -7.68 40.65
N ASP A 86 8.97 -8.70 41.11
CA ASP A 86 8.85 -8.94 42.54
C ASP A 86 10.19 -9.35 43.15
N ALA A 87 11.08 -9.95 42.35
CA ALA A 87 12.40 -10.28 42.86
C ALA A 87 13.30 -9.07 42.93
N ALA A 88 13.18 -8.13 41.99
CA ALA A 88 13.99 -6.93 42.06
C ALA A 88 13.69 -6.13 43.30
N VAL A 89 12.42 -6.10 43.72
CA VAL A 89 12.06 -5.39 44.94
C VAL A 89 12.61 -6.13 46.16
N ARG A 90 12.55 -7.46 46.15
CA ARG A 90 13.08 -8.21 47.29
C ARG A 90 14.58 -7.98 47.43
N GLY A 91 15.29 -7.81 46.32
CA GLY A 91 16.71 -7.55 46.40
C GLY A 91 17.01 -6.14 46.87
N ILE A 92 16.14 -5.18 46.54
CA ILE A 92 16.32 -3.82 47.04
C ILE A 92 16.16 -3.80 48.55
N LEU A 93 15.27 -4.64 49.09
CA LEU A 93 15.00 -4.62 50.52
C LEU A 93 16.01 -5.45 51.31
N ARG A 94 16.59 -6.48 50.71
CA ARG A 94 17.61 -7.27 51.37
C ARG A 94 18.98 -6.60 51.35
N ASN A 95 19.13 -5.51 50.62
CA ASN A 95 20.44 -4.92 50.38
C ASN A 95 20.62 -3.67 51.23
N ALA A 96 21.86 -3.48 51.71
CA ALA A 96 22.12 -2.40 52.66
C ALA A 96 22.12 -1.04 51.97
N LYS A 97 22.79 -0.94 50.82
CA LYS A 97 22.86 0.34 50.11
C LYS A 97 21.50 0.74 49.52
N LEU A 98 20.65 -0.24 49.20
CA LEU A 98 19.44 0.06 48.45
C LEU A 98 18.22 0.35 49.33
N LYS A 99 18.07 -0.35 50.47
CA LYS A 99 16.88 -0.11 51.29
C LYS A 99 16.73 1.33 51.74
N PRO A 100 17.75 1.98 52.32
CA PRO A 100 17.55 3.38 52.75
C PRO A 100 17.14 4.28 51.60
N VAL A 101 17.73 4.06 50.42
CA VAL A 101 17.43 4.88 49.25
C VAL A 101 16.06 4.53 48.69
N TYR A 102 15.65 3.27 48.82
CA TYR A 102 14.34 2.87 48.32
C TYR A 102 13.23 3.50 49.15
N ASP A 103 13.40 3.53 50.47
CA ASP A 103 12.42 4.20 51.33
C ASP A 103 12.45 5.70 51.12
N SER A 104 13.65 6.28 51.03
CA SER A 104 13.78 7.72 50.83
C SER A 104 13.14 8.16 49.52
N LEU A 105 13.08 7.27 48.54
CA LEU A 105 12.51 7.62 47.25
C LEU A 105 10.98 7.70 47.32
N ASP A 106 10.44 8.56 46.47
CA ASP A 106 9.03 8.72 46.22
C ASP A 106 8.54 7.62 45.26
N ALA A 107 7.22 7.58 45.04
CA ALA A 107 6.64 6.47 44.28
C ALA A 107 7.22 6.39 42.88
N VAL A 108 7.21 7.50 42.14
CA VAL A 108 7.66 7.47 40.75
C VAL A 108 9.15 7.18 40.65
N ARG A 109 9.94 7.73 41.58
CA ARG A 109 11.37 7.46 41.56
C ARG A 109 11.73 6.09 42.15
N ARG A 110 10.84 5.48 42.93
CA ARG A 110 11.05 4.10 43.33
C ARG A 110 11.00 3.18 42.12
N ALA A 111 10.13 3.50 41.15
CA ALA A 111 10.07 2.70 39.93
C ALA A 111 11.37 2.81 39.13
N ALA A 112 12.00 3.99 39.15
CA ALA A 112 13.27 4.14 38.46
C ALA A 112 14.35 3.31 39.11
N LEU A 113 14.31 3.16 40.44
CA LEU A 113 15.29 2.32 41.13
C LEU A 113 15.01 0.84 40.88
N ILE A 114 13.74 0.44 40.87
CA ILE A 114 13.41 -0.94 40.56
C ILE A 114 13.78 -1.26 39.12
N ASN A 115 13.66 -0.29 38.21
CA ASN A 115 13.97 -0.53 36.81
C ASN A 115 15.47 -0.77 36.60
N MET A 116 16.33 -0.14 37.40
CA MET A 116 17.75 -0.47 37.33
C MET A 116 18.00 -1.86 37.90
N VAL A 117 17.43 -2.15 39.06
CA VAL A 117 17.67 -3.44 39.71
C VAL A 117 17.15 -4.59 38.84
N PHE A 118 16.11 -4.37 38.05
CA PHE A 118 15.61 -5.45 37.23
C PHE A 118 16.47 -5.59 35.96
N GLN A 119 17.26 -4.58 35.61
CA GLN A 119 18.19 -4.77 34.52
C GLN A 119 19.56 -5.28 34.96
N MET A 120 19.94 -5.11 36.24
CA MET A 120 21.31 -5.34 36.64
C MET A 120 21.50 -6.09 37.95
N GLY A 121 20.42 -6.41 38.68
CA GLY A 121 20.52 -7.16 39.90
C GLY A 121 20.79 -6.29 41.12
N GLU A 122 20.50 -6.85 42.30
CA GLU A 122 20.70 -6.09 43.53
C GLU A 122 22.16 -5.74 43.72
N THR A 123 23.06 -6.67 43.40
CA THR A 123 24.48 -6.41 43.60
C THR A 123 24.99 -5.30 42.68
N GLY A 124 24.46 -5.22 41.47
CA GLY A 124 24.95 -4.26 40.52
C GLY A 124 24.48 -2.84 40.78
N VAL A 125 23.19 -2.71 41.07
CA VAL A 125 22.64 -1.38 41.34
C VAL A 125 23.27 -0.78 42.60
N ALA A 126 23.68 -1.63 43.54
CA ALA A 126 24.28 -1.17 44.79
C ALA A 126 25.71 -0.67 44.61
N GLY A 127 26.32 -0.89 43.45
CA GLY A 127 27.64 -0.35 43.21
C GLY A 127 27.66 1.11 42.84
N PHE A 128 26.50 1.69 42.52
CA PHE A 128 26.40 3.12 42.28
C PHE A 128 26.41 3.87 43.62
N THR A 129 27.54 3.75 44.31
CA THR A 129 27.61 4.27 45.67
C THR A 129 27.35 5.77 45.69
N ASN A 130 28.02 6.53 44.76
CA ASN A 130 27.89 7.98 44.78
C ASN A 130 26.50 8.41 44.30
N SER A 131 26.04 7.77 43.20
CA SER A 131 24.75 8.14 42.65
C SER A 131 23.61 7.81 43.63
N LEU A 132 23.76 6.71 44.38
CA LEU A 132 22.79 6.39 45.43
C LEU A 132 22.90 7.38 46.58
N ARG A 133 24.12 7.82 46.91
CA ARG A 133 24.27 8.81 47.96
C ARG A 133 23.61 10.13 47.56
N MET A 134 23.61 10.42 46.25
CA MET A 134 22.98 11.63 45.75
C MET A 134 21.46 11.51 45.75
N LEU A 135 20.95 10.34 45.34
CA LEU A 135 19.51 10.10 45.45
C LEU A 135 19.07 10.09 46.91
N GLN A 136 19.98 9.72 47.81
CA GLN A 136 19.63 9.70 49.24
C GLN A 136 19.30 11.09 49.75
N GLN A 137 20.09 12.09 49.34
CA GLN A 137 19.92 13.47 49.78
C GLN A 137 19.00 14.25 48.85
N LYS A 138 18.40 13.58 47.87
CA LYS A 138 17.43 14.19 46.96
C LYS A 138 18.08 15.21 46.04
N ARG A 139 19.32 14.93 45.63
CA ARG A 139 20.02 15.75 44.65
C ARG A 139 19.85 15.15 43.25
N TRP A 140 18.63 15.28 42.74
CA TRP A 140 18.24 14.55 41.54
C TRP A 140 19.07 15.00 40.34
N ASP A 141 19.24 16.32 40.18
CA ASP A 141 19.93 16.83 39.00
C ASP A 141 21.39 16.43 38.99
N GLU A 142 21.98 16.23 40.18
CA GLU A 142 23.39 15.85 40.28
C GLU A 142 23.59 14.36 40.06
N ALA A 143 22.67 13.52 40.55
CA ALA A 143 22.72 12.10 40.23
C ALA A 143 22.45 11.84 38.76
N ALA A 144 21.59 12.65 38.12
CA ALA A 144 21.34 12.49 36.70
C ALA A 144 22.59 12.78 35.88
N VAL A 145 23.44 13.69 36.35
CA VAL A 145 24.71 13.93 35.69
C VAL A 145 25.68 12.80 35.97
N ASN A 146 25.71 12.31 37.22
CA ASN A 146 26.60 11.21 37.56
C ASN A 146 26.23 9.95 36.78
N LEU A 147 24.95 9.58 36.80
CA LEU A 147 24.54 8.31 36.24
C LEU A 147 24.78 8.24 34.73
N ALA A 148 24.89 9.39 34.07
CA ALA A 148 25.11 9.45 32.64
C ALA A 148 26.57 9.23 32.25
N LYS A 149 27.43 8.92 33.22
CA LYS A 149 28.84 8.67 32.96
C LYS A 149 29.24 7.20 33.05
N SER A 150 28.27 6.29 33.28
CA SER A 150 28.55 4.91 33.64
C SER A 150 28.48 3.96 32.46
N ARG A 151 28.92 2.72 32.69
CA ARG A 151 28.80 1.67 31.70
C ARG A 151 27.36 1.43 31.31
N TRP A 152 26.43 1.62 32.27
CA TRP A 152 25.02 1.38 32.01
C TRP A 152 24.48 2.35 30.98
N TYR A 153 24.82 3.64 31.11
CA TYR A 153 24.38 4.62 30.13
C TYR A 153 25.00 4.36 28.78
N ASN A 154 26.21 3.82 28.75
CA ASN A 154 26.96 3.71 27.50
C ASN A 154 26.44 2.59 26.61
N GLN A 155 25.89 1.52 27.19
CA GLN A 155 25.39 0.40 26.38
C GLN A 155 23.93 0.53 25.99
N THR A 156 23.10 1.18 26.80
CA THR A 156 21.70 1.41 26.45
C THR A 156 21.35 2.87 26.72
N PRO A 157 21.90 3.79 25.93
CA PRO A 157 21.67 5.22 26.21
C PRO A 157 20.19 5.61 26.20
N ASN A 158 19.38 4.96 25.36
CA ASN A 158 17.98 5.33 25.24
C ASN A 158 17.23 5.01 26.54
N ARG A 159 17.36 3.76 26.99
CA ARG A 159 16.72 3.30 28.22
C ARG A 159 17.30 4.01 29.45
N ALA A 160 18.66 4.33 29.47
CA ALA A 160 19.27 5.04 30.59
C ALA A 160 18.82 6.49 30.64
N LYS A 161 18.70 7.14 29.47
CA LYS A 161 18.22 8.52 29.46
C LYS A 161 16.79 8.63 29.94
N ARG A 162 15.98 7.59 29.71
CA ARG A 162 14.60 7.62 30.19
C ARG A 162 14.55 7.43 31.71
N VAL A 163 15.32 6.47 32.22
CA VAL A 163 15.35 6.27 33.67
C VAL A 163 16.03 7.44 34.36
N ILE A 164 17.08 7.99 33.76
CA ILE A 164 17.76 9.11 34.38
C ILE A 164 16.84 10.32 34.43
N THR A 165 16.07 10.54 33.36
CA THR A 165 15.07 11.61 33.38
C THR A 165 13.98 11.34 34.39
N THR A 166 13.60 10.07 34.59
CA THR A 166 12.62 9.75 35.61
C THR A 166 13.16 10.00 37.01
N PHE A 167 14.46 9.78 37.22
CA PHE A 167 15.06 10.20 38.50
C PHE A 167 15.09 11.71 38.62
N ARG A 168 15.43 12.40 37.53
CA ARG A 168 15.66 13.84 37.60
C ARG A 168 14.36 14.59 37.82
N THR A 169 13.42 14.45 36.89
CA THR A 169 12.16 15.19 36.97
C THR A 169 11.19 14.64 38.02
N GLY A 170 11.28 13.37 38.35
CA GLY A 170 10.32 12.80 39.27
C GLY A 170 8.97 12.48 38.67
N THR A 171 8.83 12.54 37.34
CA THR A 171 7.57 12.33 36.65
C THR A 171 7.81 11.47 35.43
N TRP A 172 6.71 10.97 34.84
CA TRP A 172 6.76 9.97 33.77
C TRP A 172 6.93 10.55 32.37
N ASP A 173 7.30 11.81 32.22
CA ASP A 173 7.33 12.40 30.89
C ASP A 173 8.28 11.65 29.94
N ALA A 174 9.30 10.99 30.48
CA ALA A 174 10.14 10.18 29.61
C ALA A 174 9.34 9.04 28.96
N TYR A 175 8.27 8.59 29.61
CA TYR A 175 7.46 7.48 29.14
C TYR A 175 6.04 7.86 28.75
N ALA A 176 5.47 8.89 29.38
CA ALA A 176 4.08 9.25 29.10
C ALA A 176 3.87 9.67 27.65
N ALA A 177 4.93 10.13 26.99
CA ALA A 177 4.82 10.45 25.57
C ALA A 177 4.49 9.22 24.75
N ASP A 178 4.73 8.03 25.29
CA ASP A 178 4.37 6.80 24.58
C ASP A 178 2.88 6.71 24.30
N GLU A 179 2.05 7.23 25.21
CA GLU A 179 0.61 7.07 25.05
C GLU A 179 0.04 7.96 23.93
N VAL A 180 0.70 9.08 23.64
CA VAL A 180 0.27 9.93 22.54
C VAL A 180 0.41 9.21 21.20
N TRP A 181 1.39 8.31 21.08
CA TRP A 181 1.60 7.57 19.84
C TRP A 181 0.57 6.47 19.62
N VAL A 182 -0.20 6.10 20.65
CA VAL A 182 -1.25 5.11 20.45
C VAL A 182 -2.46 5.74 19.78
N VAL A 183 -2.96 6.86 20.32
CA VAL A 183 -4.13 7.49 19.74
C VAL A 183 -3.81 8.11 18.38
N GLY A 184 -2.59 8.60 18.20
CA GLY A 184 -2.22 9.15 16.91
C GLY A 184 -2.16 8.09 15.83
N MET A 185 -1.71 6.89 16.20
CA MET A 185 -1.81 5.76 15.29
C MET A 185 -3.25 5.38 15.02
N GLY A 186 -4.11 5.49 16.04
CA GLY A 186 -5.48 5.04 15.87
C GLY A 186 -6.28 5.94 14.95
N ILE A 187 -6.18 7.26 15.17
CA ILE A 187 -6.91 8.19 14.32
C ILE A 187 -6.38 8.12 12.90
N VAL A 188 -5.08 7.87 12.73
CA VAL A 188 -4.54 7.72 11.39
C VAL A 188 -5.13 6.46 10.73
N MET A 189 -5.30 5.39 11.50
CA MET A 189 -5.93 4.20 10.93
C MET A 189 -7.38 4.49 10.55
N SER A 190 -8.06 5.33 11.33
CA SER A 190 -9.44 5.64 11.01
C SER A 190 -9.53 6.46 9.73
N LEU A 191 -8.61 7.41 9.55
CA LEU A 191 -8.59 8.17 8.30
C LEU A 191 -8.27 7.27 7.11
N ILE A 192 -7.45 6.24 7.32
CA ILE A 192 -7.17 5.32 6.23
C ILE A 192 -8.41 4.51 5.88
N VAL A 193 -9.12 4.01 6.90
CA VAL A 193 -10.29 3.19 6.60
C VAL A 193 -11.37 4.02 5.91
N LEU A 194 -11.54 5.28 6.35
CA LEU A 194 -12.54 6.13 5.73
C LEU A 194 -12.17 6.47 4.29
N ALA A 195 -10.88 6.69 4.03
CA ALA A 195 -10.46 7.06 2.68
C ALA A 195 -10.69 5.93 1.70
N ILE A 196 -10.32 4.71 2.09
CA ILE A 196 -10.44 3.58 1.18
C ILE A 196 -11.91 3.28 0.90
N VAL A 197 -12.77 3.40 1.91
CA VAL A 197 -14.18 3.09 1.70
C VAL A 197 -14.87 4.22 0.97
N PHE A 198 -14.47 5.46 1.25
CA PHE A 198 -15.08 6.61 0.58
C PHE A 198 -14.72 6.64 -0.90
N GLY A 199 -13.43 6.59 -1.22
CA GLY A 199 -13.03 6.73 -2.61
C GLY A 199 -13.47 5.56 -3.48
N ASN A 200 -13.46 4.36 -2.93
CA ASN A 200 -13.73 3.18 -3.74
C ASN A 200 -15.22 2.88 -3.85
N VAL A 201 -16.03 3.24 -2.85
CA VAL A 201 -17.47 3.19 -3.02
C VAL A 201 -17.92 4.23 -4.04
N LEU A 202 -17.17 5.33 -4.16
CA LEU A 202 -17.51 6.37 -5.11
C LEU A 202 -17.17 5.93 -6.54
N VAL A 203 -16.05 5.23 -6.71
CA VAL A 203 -15.67 4.75 -8.04
C VAL A 203 -16.64 3.69 -8.53
N ILE A 204 -16.97 2.73 -7.66
CA ILE A 204 -17.88 1.67 -8.06
C ILE A 204 -19.25 2.23 -8.41
N THR A 205 -19.68 3.27 -7.68
CA THR A 205 -21.00 3.82 -7.94
C THR A 205 -21.05 4.58 -9.26
N ALA A 206 -19.99 5.33 -9.57
CA ALA A 206 -20.00 6.14 -10.79
C ALA A 206 -20.08 5.29 -12.04
N ILE A 207 -19.47 4.09 -12.02
CA ILE A 207 -19.52 3.24 -13.20
C ILE A 207 -20.83 2.48 -13.28
N ALA A 208 -21.47 2.21 -12.14
CA ALA A 208 -22.68 1.40 -12.13
C ALA A 208 -23.92 2.17 -12.57
N LYS A 209 -23.97 3.48 -12.29
CA LYS A 209 -25.14 4.30 -12.56
C LYS A 209 -25.01 5.14 -13.81
N PHE A 210 -23.86 5.08 -14.49
CA PHE A 210 -23.48 6.09 -15.48
C PHE A 210 -23.05 5.36 -16.75
N GLU A 211 -23.72 5.65 -17.86
CA GLU A 211 -23.45 4.93 -19.11
C GLU A 211 -22.13 5.39 -19.73
N ARG A 212 -21.80 6.68 -19.63
CA ARG A 212 -20.59 7.17 -20.27
C ARG A 212 -19.33 6.53 -19.68
N LEU A 213 -19.43 5.93 -18.51
CA LEU A 213 -18.29 5.31 -17.83
C LEU A 213 -18.26 3.79 -17.93
N GLN A 214 -19.13 3.17 -18.74
CA GLN A 214 -19.10 1.71 -18.89
C GLN A 214 -18.26 1.29 -20.10
N THR A 215 -16.97 1.61 -20.04
CA THR A 215 -16.00 1.19 -21.04
C THR A 215 -15.28 -0.08 -20.58
N VAL A 216 -14.53 -0.69 -21.50
CA VAL A 216 -13.72 -1.85 -21.15
C VAL A 216 -12.66 -1.50 -20.12
N THR A 217 -12.04 -0.32 -20.25
CA THR A 217 -10.98 0.05 -19.31
C THR A 217 -11.54 0.29 -17.91
N ASN A 218 -12.76 0.79 -17.79
CA ASN A 218 -13.38 0.95 -16.48
C ASN A 218 -13.89 -0.36 -15.91
N TYR A 219 -14.09 -1.37 -16.76
CA TYR A 219 -14.44 -2.69 -16.26
C TYR A 219 -13.32 -3.26 -15.41
N PHE A 220 -12.07 -3.00 -15.80
CA PHE A 220 -10.95 -3.36 -14.95
C PHE A 220 -10.84 -2.41 -13.76
N ILE A 221 -11.18 -1.13 -13.97
CA ILE A 221 -11.19 -0.19 -12.86
C ILE A 221 -12.19 -0.63 -11.80
N THR A 222 -13.31 -1.22 -12.22
CA THR A 222 -14.31 -1.66 -11.27
C THR A 222 -13.80 -2.84 -10.44
N SER A 223 -13.09 -3.77 -11.07
CA SER A 223 -12.52 -4.88 -10.32
C SER A 223 -11.46 -4.39 -9.35
N LEU A 224 -10.68 -3.37 -9.75
CA LEU A 224 -9.69 -2.81 -8.84
C LEU A 224 -10.37 -2.16 -7.64
N ALA A 225 -11.39 -1.34 -7.89
CA ALA A 225 -12.10 -0.68 -6.81
C ALA A 225 -12.86 -1.66 -5.93
N CYS A 226 -13.21 -2.83 -6.46
CA CYS A 226 -13.86 -3.84 -5.63
C CYS A 226 -12.87 -4.46 -4.64
N ALA A 227 -11.68 -4.82 -5.12
CA ALA A 227 -10.68 -5.36 -4.21
C ALA A 227 -10.29 -4.30 -3.17
N ASP A 228 -10.15 -3.04 -3.60
CA ASP A 228 -9.79 -1.98 -2.67
C ASP A 228 -10.90 -1.70 -1.67
N LEU A 229 -12.16 -1.92 -2.07
CA LEU A 229 -13.26 -1.68 -1.15
C LEU A 229 -13.29 -2.72 -0.04
N VAL A 230 -13.09 -3.99 -0.39
CA VAL A 230 -13.03 -5.04 0.63
C VAL A 230 -11.83 -4.82 1.53
N MET A 231 -10.77 -4.22 0.99
CA MET A 231 -9.60 -3.89 1.80
C MET A 231 -10.00 -2.98 2.96
N GLY A 232 -10.73 -1.90 2.67
CA GLY A 232 -11.09 -0.97 3.71
C GLY A 232 -12.28 -1.38 4.56
N LEU A 233 -13.10 -2.31 4.06
CA LEU A 233 -14.25 -2.75 4.85
C LEU A 233 -13.93 -3.98 5.71
N ALA A 234 -13.09 -4.88 5.20
CA ALA A 234 -12.82 -6.14 5.87
C ALA A 234 -11.38 -6.25 6.34
N VAL A 235 -10.41 -6.10 5.43
CA VAL A 235 -9.01 -6.31 5.81
C VAL A 235 -8.56 -5.27 6.83
N VAL A 236 -8.59 -3.99 6.44
CA VAL A 236 -8.00 -2.95 7.30
C VAL A 236 -8.67 -2.88 8.67
N PRO A 237 -10.00 -2.84 8.79
CA PRO A 237 -10.59 -2.65 10.12
C PRO A 237 -10.21 -3.73 11.13
N PHE A 238 -10.13 -5.00 10.72
CA PHE A 238 -9.77 -6.02 11.69
C PHE A 238 -8.31 -5.92 12.09
N GLY A 239 -7.45 -5.48 11.17
CA GLY A 239 -6.04 -5.34 11.51
C GLY A 239 -5.77 -4.13 12.36
N ALA A 240 -6.63 -3.12 12.28
CA ALA A 240 -6.54 -2.01 13.21
C ALA A 240 -6.97 -2.43 14.61
N ALA A 241 -8.04 -3.23 14.70
CA ALA A 241 -8.42 -3.79 15.99
C ALA A 241 -7.36 -4.75 16.51
N HIS A 242 -6.66 -5.44 15.63
CA HIS A 242 -5.58 -6.32 16.05
C HIS A 242 -4.45 -5.53 16.69
N ILE A 243 -3.96 -4.52 15.98
CA ILE A 243 -2.79 -3.79 16.46
C ILE A 243 -3.11 -3.03 17.74
N LEU A 244 -4.32 -2.49 17.84
CA LEU A 244 -4.63 -1.61 18.95
C LEU A 244 -4.94 -2.41 20.21
N THR A 245 -5.74 -3.48 20.09
CA THR A 245 -6.04 -4.31 21.24
C THR A 245 -4.85 -5.17 21.65
N LYS A 246 -3.88 -5.38 20.77
CA LYS A 246 -2.72 -6.24 21.01
C LYS A 246 -3.14 -7.70 21.28
N THR A 247 -4.28 -8.10 20.74
CA THR A 247 -4.72 -9.49 20.72
C THR A 247 -5.74 -9.65 19.60
N TRP A 248 -6.31 -10.85 19.50
CA TRP A 248 -7.32 -11.16 18.48
C TRP A 248 -8.52 -11.78 19.16
N THR A 249 -9.66 -11.10 19.11
CA THR A 249 -10.83 -11.44 19.91
C THR A 249 -11.91 -12.19 19.12
N PHE A 250 -11.61 -12.61 17.89
CA PHE A 250 -12.64 -13.17 17.01
C PHE A 250 -12.50 -14.68 16.79
N GLY A 251 -11.62 -15.35 17.54
CA GLY A 251 -11.46 -16.80 17.43
C GLY A 251 -10.45 -17.20 16.37
N ASN A 252 -10.14 -18.50 16.36
CA ASN A 252 -9.16 -19.01 15.40
C ASN A 252 -9.68 -19.00 13.98
N PHE A 253 -10.91 -19.48 13.77
CA PHE A 253 -11.36 -19.64 12.38
C PHE A 253 -11.40 -18.32 11.65
N TRP A 254 -11.89 -17.26 12.31
CA TRP A 254 -11.91 -15.95 11.67
C TRP A 254 -10.53 -15.36 11.52
N CYS A 255 -9.55 -15.83 12.30
CA CYS A 255 -8.17 -15.36 12.11
C CYS A 255 -7.67 -15.71 10.72
N GLU A 256 -7.75 -16.99 10.33
CA GLU A 256 -7.23 -17.36 9.01
C GLU A 256 -8.11 -16.86 7.87
N PHE A 257 -9.42 -16.70 8.11
CA PHE A 257 -10.26 -16.21 7.04
C PHE A 257 -10.16 -14.69 6.92
N TRP A 258 -9.79 -13.98 8.00
CA TRP A 258 -9.24 -12.64 7.81
C TRP A 258 -7.91 -12.70 7.08
N THR A 259 -7.06 -13.67 7.41
CA THR A 259 -5.81 -13.83 6.67
C THR A 259 -6.08 -14.23 5.22
N SER A 260 -7.17 -14.98 4.99
CA SER A 260 -7.48 -15.41 3.63
C SER A 260 -7.99 -14.25 2.79
N ILE A 261 -8.90 -13.45 3.34
CA ILE A 261 -9.45 -12.32 2.60
C ILE A 261 -8.36 -11.30 2.31
N ASP A 262 -7.33 -11.24 3.15
CA ASP A 262 -6.26 -10.28 2.92
C ASP A 262 -5.46 -10.63 1.68
N VAL A 263 -4.95 -11.85 1.59
CA VAL A 263 -4.19 -12.23 0.41
C VAL A 263 -5.10 -12.22 -0.81
N LEU A 264 -6.39 -12.50 -0.61
CA LEU A 264 -7.33 -12.44 -1.73
C LEU A 264 -7.35 -11.05 -2.33
N CYS A 265 -7.47 -10.03 -1.49
CA CYS A 265 -7.62 -8.66 -1.99
C CYS A 265 -6.30 -8.10 -2.51
N VAL A 266 -5.21 -8.31 -1.78
CA VAL A 266 -3.94 -7.73 -2.24
C VAL A 266 -3.50 -8.35 -3.54
N THR A 267 -3.83 -9.63 -3.76
CA THR A 267 -3.49 -10.27 -5.04
C THR A 267 -4.36 -9.73 -6.17
N ALA A 268 -5.68 -9.76 -5.99
CA ALA A 268 -6.56 -9.26 -7.03
C ALA A 268 -6.34 -7.78 -7.28
N SER A 269 -5.95 -7.03 -6.25
CA SER A 269 -5.69 -5.60 -6.43
C SER A 269 -4.49 -5.36 -7.33
N ILE A 270 -3.38 -6.07 -7.09
CA ILE A 270 -2.18 -5.82 -7.87
C ILE A 270 -2.28 -6.47 -9.25
N GLU A 271 -2.90 -7.64 -9.34
CA GLU A 271 -3.08 -8.24 -10.65
C GLU A 271 -4.03 -7.43 -11.52
N THR A 272 -4.96 -6.69 -10.91
CA THR A 272 -5.78 -5.77 -11.70
C THR A 272 -4.99 -4.57 -12.18
N LEU A 273 -4.10 -4.04 -11.34
CA LEU A 273 -3.24 -2.95 -11.79
C LEU A 273 -2.34 -3.38 -12.93
N CYS A 274 -1.91 -4.64 -12.91
CA CYS A 274 -1.16 -5.20 -14.02
C CYS A 274 -2.03 -5.35 -15.26
N VAL A 275 -3.30 -5.73 -15.07
CA VAL A 275 -4.21 -5.84 -16.21
C VAL A 275 -4.50 -4.47 -16.81
N ILE A 276 -4.56 -3.44 -15.96
CA ILE A 276 -4.80 -2.09 -16.48
C ILE A 276 -3.60 -1.60 -17.27
N ALA A 277 -2.38 -1.92 -16.81
CA ALA A 277 -1.19 -1.44 -17.50
C ALA A 277 -1.08 -2.03 -18.89
N VAL A 278 -1.49 -3.28 -19.05
CA VAL A 278 -1.54 -3.89 -20.38
C VAL A 278 -2.74 -3.38 -21.15
N ASP A 279 -3.85 -3.16 -20.46
CA ASP A 279 -5.04 -2.63 -21.13
C ASP A 279 -4.72 -1.33 -21.85
N ARG A 280 -4.14 -0.37 -21.14
CA ARG A 280 -3.83 0.91 -21.76
C ARG A 280 -2.73 0.77 -22.80
N TYR A 281 -1.84 -0.21 -22.66
CA TYR A 281 -0.82 -0.38 -23.68
C TYR A 281 -1.43 -0.72 -25.04
N PHE A 282 -2.44 -1.59 -25.05
CA PHE A 282 -3.11 -1.89 -26.32
C PHE A 282 -4.02 -0.74 -26.74
N ALA A 283 -4.72 -0.14 -25.78
CA ALA A 283 -5.60 0.97 -26.14
C ALA A 283 -4.83 2.15 -26.72
N ILE A 284 -3.56 2.28 -26.39
CA ILE A 284 -2.75 3.42 -26.84
C ILE A 284 -1.94 3.09 -28.09
N THR A 285 -1.28 1.93 -28.11
CA THR A 285 -0.42 1.59 -29.25
C THR A 285 -1.16 0.90 -30.40
N SER A 286 -2.21 0.15 -30.12
CA SER A 286 -3.04 -0.47 -31.14
C SER A 286 -4.51 -0.19 -30.86
N PRO A 287 -4.93 1.06 -31.03
CA PRO A 287 -6.31 1.42 -30.68
C PRO A 287 -7.38 0.65 -31.42
N PHE A 288 -7.15 0.27 -32.68
CA PHE A 288 -8.24 -0.26 -33.49
C PHE A 288 -8.47 -1.75 -33.23
N LYS A 289 -7.41 -2.55 -33.18
CA LYS A 289 -7.58 -3.95 -32.81
C LYS A 289 -7.98 -4.08 -31.35
N TYR A 290 -7.57 -3.13 -30.51
CA TYR A 290 -7.91 -3.19 -29.09
C TYR A 290 -9.42 -3.21 -28.88
N GLN A 291 -10.17 -2.55 -29.75
CA GLN A 291 -11.62 -2.54 -29.66
C GLN A 291 -12.27 -3.68 -30.43
N SER A 292 -11.56 -4.27 -31.39
CA SER A 292 -12.10 -5.41 -32.12
C SER A 292 -11.98 -6.69 -31.31
N LEU A 293 -10.85 -6.89 -30.64
CA LEU A 293 -10.58 -8.13 -29.95
C LEU A 293 -11.24 -8.18 -28.57
N LEU A 294 -11.04 -7.13 -27.77
CA LEU A 294 -11.37 -7.16 -26.35
C LEU A 294 -12.83 -6.77 -26.14
N THR A 295 -13.69 -7.75 -26.37
CA THR A 295 -15.12 -7.59 -26.12
C THR A 295 -15.37 -7.49 -24.62
N LYS A 296 -16.50 -6.88 -24.26
CA LYS A 296 -16.85 -6.78 -22.85
C LYS A 296 -16.91 -8.15 -22.20
N ASN A 297 -17.25 -9.18 -22.97
CA ASN A 297 -17.25 -10.54 -22.43
C ASN A 297 -15.84 -11.04 -22.22
N LYS A 298 -14.95 -10.81 -23.18
CA LYS A 298 -13.55 -11.23 -23.01
C LYS A 298 -12.90 -10.52 -21.84
N ALA A 299 -13.29 -9.27 -21.57
CA ALA A 299 -12.76 -8.59 -20.40
C ALA A 299 -13.30 -9.20 -19.12
N ARG A 300 -14.58 -9.59 -19.10
CA ARG A 300 -15.11 -10.22 -17.91
C ARG A 300 -14.44 -11.56 -17.62
N VAL A 301 -14.08 -12.30 -18.66
CA VAL A 301 -13.31 -13.52 -18.45
C VAL A 301 -11.93 -13.19 -17.89
N ILE A 302 -11.34 -12.08 -18.33
CA ILE A 302 -10.05 -11.69 -17.78
C ILE A 302 -10.20 -11.29 -16.32
N ILE A 303 -11.35 -10.75 -15.94
CA ILE A 303 -11.59 -10.40 -14.54
C ILE A 303 -11.72 -11.66 -13.70
N LEU A 304 -12.40 -12.68 -14.22
CA LEU A 304 -12.55 -13.93 -13.49
C LEU A 304 -11.22 -14.65 -13.33
N MET A 305 -10.30 -14.50 -14.30
CA MET A 305 -9.00 -15.14 -14.17
C MET A 305 -8.22 -14.55 -13.01
N VAL A 306 -8.35 -13.24 -12.77
CA VAL A 306 -7.63 -12.62 -11.68
C VAL A 306 -8.18 -13.09 -10.34
N TRP A 307 -9.51 -13.10 -10.20
CA TRP A 307 -10.11 -13.54 -8.95
C TRP A 307 -9.97 -15.04 -8.74
N ILE A 308 -9.85 -15.83 -9.81
CA ILE A 308 -9.60 -17.26 -9.63
C ILE A 308 -8.15 -17.51 -9.30
N VAL A 309 -7.22 -16.79 -9.93
CA VAL A 309 -5.82 -16.89 -9.52
C VAL A 309 -5.65 -16.38 -8.10
N SER A 310 -6.43 -15.37 -7.71
CA SER A 310 -6.29 -14.78 -6.37
C SER A 310 -6.91 -15.66 -5.30
N GLY A 311 -8.08 -16.24 -5.57
CA GLY A 311 -8.68 -17.14 -4.61
C GLY A 311 -7.90 -18.44 -4.47
N LEU A 312 -7.27 -18.90 -5.55
CA LEU A 312 -6.38 -20.05 -5.44
C LEU A 312 -5.12 -19.71 -4.67
N THR A 313 -4.62 -18.48 -4.81
CA THR A 313 -3.39 -18.09 -4.11
C THR A 313 -3.65 -17.62 -2.69
N SER A 314 -4.91 -17.50 -2.26
CA SER A 314 -5.22 -16.97 -0.93
C SER A 314 -6.01 -17.97 -0.08
N PHE A 315 -7.29 -18.21 -0.36
CA PHE A 315 -8.03 -19.16 0.48
C PHE A 315 -7.54 -20.58 0.33
N LEU A 316 -7.27 -21.02 -0.90
CA LEU A 316 -6.95 -22.44 -1.08
C LEU A 316 -5.78 -22.87 -0.23
N PRO A 317 -4.65 -22.17 -0.21
CA PRO A 317 -3.55 -22.56 0.68
C PRO A 317 -3.89 -22.38 2.14
N ILE A 318 -4.43 -21.20 2.47
CA ILE A 318 -4.57 -20.83 3.87
C ILE A 318 -5.63 -21.69 4.56
N GLN A 319 -6.79 -21.84 3.92
CA GLN A 319 -7.85 -22.63 4.54
C GLN A 319 -7.51 -24.11 4.58
N MET A 320 -6.57 -24.56 3.74
CA MET A 320 -6.06 -25.93 3.79
C MET A 320 -4.85 -26.08 4.70
N HIS A 321 -4.44 -25.02 5.38
CA HIS A 321 -3.30 -25.00 6.30
C HIS A 321 -1.96 -25.24 5.60
N TRP A 322 -1.93 -25.19 4.26
CA TRP A 322 -0.68 -25.36 3.54
C TRP A 322 0.32 -24.24 3.83
N TYR A 323 -0.19 -23.03 4.09
CA TYR A 323 0.65 -21.86 4.28
C TYR A 323 1.41 -21.91 5.60
N ARG A 324 1.02 -22.79 6.51
CA ARG A 324 1.47 -22.71 7.89
C ARG A 324 2.98 -22.97 7.99
N ALA A 325 3.58 -22.34 9.00
CA ALA A 325 4.96 -22.58 9.39
C ALA A 325 5.03 -23.79 10.32
N THR A 326 6.26 -24.21 10.63
CA THR A 326 6.48 -25.36 11.49
C THR A 326 7.23 -25.03 12.78
N HIS A 327 7.80 -23.84 12.93
CA HIS A 327 8.56 -23.51 14.12
C HIS A 327 7.65 -23.27 15.31
N GLN A 328 8.24 -23.33 16.51
CA GLN A 328 7.43 -23.43 17.72
C GLN A 328 6.57 -22.21 17.94
N GLU A 329 7.08 -21.01 17.66
CA GLU A 329 6.22 -19.84 17.85
C GLU A 329 5.06 -19.86 16.88
N ALA A 330 5.24 -20.47 15.71
CA ALA A 330 4.12 -20.59 14.78
C ALA A 330 3.10 -21.60 15.28
N ILE A 331 3.56 -22.75 15.78
CA ILE A 331 2.61 -23.75 16.27
C ILE A 331 1.84 -23.24 17.47
N ASN A 332 2.47 -22.44 18.32
CA ASN A 332 1.75 -21.86 19.46
C ASN A 332 0.69 -20.87 18.99
N CYS A 333 1.04 -20.01 18.03
CA CYS A 333 0.08 -19.02 17.54
C CYS A 333 -1.09 -19.69 16.82
N TYR A 334 -0.85 -20.81 16.15
CA TYR A 334 -1.94 -21.55 15.53
C TYR A 334 -2.88 -22.13 16.57
N ALA A 335 -2.37 -22.41 17.78
CA ALA A 335 -3.16 -22.94 18.87
C ALA A 335 -3.77 -21.86 19.74
N GLU A 336 -3.11 -20.72 19.89
CA GLU A 336 -3.72 -19.60 20.62
C GLU A 336 -4.91 -19.05 19.88
N GLU A 337 -6.06 -19.02 20.57
CA GLU A 337 -7.24 -18.35 20.04
C GLU A 337 -7.02 -16.85 19.95
N THR A 338 -6.24 -16.27 20.88
CA THR A 338 -6.00 -14.83 20.90
C THR A 338 -4.80 -14.41 20.07
N CYS A 339 -4.04 -15.34 19.50
CA CYS A 339 -2.92 -15.02 18.63
C CYS A 339 -3.37 -15.10 17.18
N CYS A 340 -3.09 -14.04 16.41
CA CYS A 340 -3.36 -14.08 14.98
C CYS A 340 -2.19 -13.50 14.20
N ASP A 341 -0.98 -13.55 14.77
CA ASP A 341 0.21 -13.11 14.06
C ASP A 341 0.41 -13.97 12.82
N PHE A 342 1.01 -13.37 11.80
CA PHE A 342 1.21 -14.05 10.52
C PHE A 342 2.51 -14.84 10.53
N PHE A 343 2.40 -16.14 10.24
CA PHE A 343 3.56 -17.03 10.13
C PHE A 343 3.37 -17.90 8.89
N THR A 344 4.42 -18.00 8.07
CA THR A 344 4.37 -18.82 6.88
C THR A 344 5.67 -19.57 6.69
N ASN A 345 5.59 -20.59 5.85
CA ASN A 345 6.74 -21.31 5.33
C ASN A 345 7.33 -20.57 4.13
N GLN A 346 8.61 -20.81 3.89
CA GLN A 346 9.30 -20.15 2.78
C GLN A 346 8.72 -20.56 1.42
N ALA A 347 8.03 -21.70 1.35
CA ALA A 347 7.33 -22.08 0.14
C ALA A 347 6.20 -21.10 -0.17
N TYR A 348 5.44 -20.70 0.85
CA TYR A 348 4.30 -19.82 0.62
C TYR A 348 4.71 -18.35 0.56
N ALA A 349 5.66 -17.93 1.39
CA ALA A 349 6.08 -16.53 1.37
C ALA A 349 6.72 -16.16 0.03
N ILE A 350 7.33 -17.12 -0.65
CA ILE A 350 7.93 -16.84 -1.96
C ILE A 350 6.87 -16.90 -3.05
N ALA A 351 6.14 -18.01 -3.12
CA ALA A 351 5.23 -18.21 -4.24
C ALA A 351 4.14 -17.15 -4.28
N SER A 352 3.65 -16.72 -3.11
CA SER A 352 2.62 -15.69 -3.09
C SER A 352 3.17 -14.35 -3.59
N SER A 353 4.42 -14.04 -3.24
CA SER A 353 5.01 -12.79 -3.69
C SER A 353 5.20 -12.77 -5.19
N ILE A 354 5.46 -13.93 -5.80
CA ILE A 354 5.53 -13.98 -7.26
C ILE A 354 4.15 -13.74 -7.86
N VAL A 355 3.14 -14.47 -7.36
CA VAL A 355 1.79 -14.34 -7.91
C VAL A 355 1.15 -13.02 -7.54
N SER A 356 1.41 -12.50 -6.35
CA SER A 356 0.77 -11.26 -5.94
C SER A 356 1.48 -10.01 -6.45
N PHE A 357 2.81 -10.00 -6.41
CA PHE A 357 3.55 -8.76 -6.65
C PHE A 357 4.53 -8.83 -7.79
N TYR A 358 5.40 -9.85 -7.83
CA TYR A 358 6.56 -9.77 -8.70
C TYR A 358 6.21 -9.99 -10.17
N VAL A 359 5.41 -11.01 -10.48
CA VAL A 359 4.96 -11.19 -11.86
C VAL A 359 4.19 -9.98 -12.35
N PRO A 360 3.19 -9.46 -11.63
CA PRO A 360 2.55 -8.21 -12.06
C PRO A 360 3.53 -7.04 -12.15
N LEU A 361 4.52 -6.97 -11.27
CA LEU A 361 5.46 -5.86 -11.32
C LEU A 361 6.27 -5.89 -12.61
N VAL A 362 6.75 -7.07 -13.02
CA VAL A 362 7.55 -7.16 -14.23
C VAL A 362 6.72 -6.82 -15.44
N ILE A 363 5.49 -7.32 -15.50
CA ILE A 363 4.63 -7.02 -16.65
C ILE A 363 4.37 -5.52 -16.72
N MET A 364 4.23 -4.88 -15.56
CA MET A 364 3.92 -3.46 -15.53
C MET A 364 5.14 -2.62 -15.90
N VAL A 365 6.30 -2.96 -15.35
CA VAL A 365 7.52 -2.24 -15.70
C VAL A 365 7.85 -2.44 -17.17
N PHE A 366 7.34 -3.51 -17.78
CA PHE A 366 7.64 -3.76 -19.18
C PHE A 366 6.76 -2.92 -20.10
N VAL A 367 5.43 -3.01 -19.94
CA VAL A 367 4.53 -2.37 -20.90
C VAL A 367 4.58 -0.85 -20.76
N TYR A 368 4.63 -0.34 -19.53
CA TYR A 368 4.64 1.12 -19.37
C TYR A 368 5.89 1.72 -19.99
N SER A 369 7.03 1.06 -19.82
CA SER A 369 8.23 1.55 -20.48
C SER A 369 8.13 1.40 -21.99
N ARG A 370 7.52 0.31 -22.46
CA ARG A 370 7.33 0.15 -23.90
C ARG A 370 6.32 1.14 -24.45
N VAL A 371 5.36 1.58 -23.62
CA VAL A 371 4.42 2.60 -24.08
C VAL A 371 5.15 3.89 -24.38
N PHE A 372 6.28 4.13 -23.73
CA PHE A 372 7.02 5.34 -24.06
C PHE A 372 8.11 5.10 -25.09
N GLN A 373 8.68 3.90 -25.18
CA GLN A 373 9.68 3.65 -26.21
C GLN A 373 9.06 3.69 -27.60
N GLU A 374 7.83 3.22 -27.73
CA GLU A 374 7.14 3.17 -29.01
C GLU A 374 6.32 4.43 -29.26
N ALA A 375 6.24 5.32 -28.26
CA ALA A 375 5.85 6.70 -28.51
C ALA A 375 6.91 7.44 -29.32
N LYS A 376 8.18 7.04 -29.18
CA LYS A 376 9.25 7.74 -29.89
C LYS A 376 9.23 7.42 -31.38
N ARG A 377 8.98 6.15 -31.74
CA ARG A 377 9.01 5.72 -33.13
C ARG A 377 7.62 5.85 -33.76
N GLN A 378 7.13 7.10 -33.81
CA GLN A 378 5.88 7.43 -34.47
C GLN A 378 6.18 8.15 -35.79
N LEU A 379 5.15 8.75 -36.38
CA LEU A 379 5.33 9.43 -37.66
C LEU A 379 5.97 10.80 -37.54
N GLN A 380 6.26 11.25 -36.33
CA GLN A 380 7.06 12.46 -36.12
C GLN A 380 8.29 12.16 -35.26
N LYS A 384 8.77 17.09 -30.77
CA LYS A 384 9.83 18.08 -30.78
C LYS A 384 10.02 18.68 -29.40
N PHE A 385 10.49 17.86 -28.44
CA PHE A 385 10.87 18.36 -27.12
C PHE A 385 9.73 19.15 -26.49
N ALA A 386 8.50 18.72 -26.77
CA ALA A 386 7.24 19.37 -26.45
C ALA A 386 6.83 19.13 -25.00
N LEU A 387 5.79 19.86 -24.58
CA LEU A 387 5.40 19.90 -23.18
C LEU A 387 4.48 18.76 -22.77
N LYS A 388 3.71 18.19 -23.71
CA LYS A 388 2.80 17.11 -23.32
C LYS A 388 3.51 15.78 -23.07
N GLU A 389 4.76 15.64 -23.51
CA GLU A 389 5.51 14.42 -23.22
C GLU A 389 6.03 14.41 -21.78
N HIS A 390 6.48 15.56 -21.28
CA HIS A 390 6.81 15.67 -19.87
C HIS A 390 5.57 15.54 -18.99
N LYS A 391 4.41 15.97 -19.49
CA LYS A 391 3.18 15.77 -18.74
C LYS A 391 2.83 14.30 -18.65
N ALA A 392 2.88 13.59 -19.78
CA ALA A 392 2.63 12.16 -19.75
C ALA A 392 3.72 11.40 -19.00
N LEU A 393 4.97 11.88 -19.05
CA LEU A 393 6.04 11.24 -18.31
C LEU A 393 5.86 11.41 -16.80
N LYS A 394 5.31 12.54 -16.36
CA LYS A 394 4.97 12.68 -14.95
C LYS A 394 3.84 11.75 -14.55
N THR A 395 2.88 11.53 -15.46
CA THR A 395 1.69 10.76 -15.08
C THR A 395 2.04 9.32 -14.79
N LEU A 396 2.77 8.67 -15.70
CA LEU A 396 3.15 7.28 -15.49
C LEU A 396 4.16 7.13 -14.36
N GLY A 397 4.93 8.18 -14.06
CA GLY A 397 5.80 8.11 -12.89
C GLY A 397 5.00 8.05 -11.60
N ILE A 398 3.86 8.74 -11.56
CA ILE A 398 2.94 8.59 -10.43
C ILE A 398 2.30 7.21 -10.44
N ILE A 399 1.91 6.73 -11.62
CA ILE A 399 1.26 5.42 -11.68
C ILE A 399 2.21 4.33 -11.21
N MET A 400 3.50 4.49 -11.50
CA MET A 400 4.46 3.47 -11.10
C MET A 400 5.27 3.87 -9.86
N GLY A 401 5.42 5.16 -9.58
CA GLY A 401 6.06 5.56 -8.34
C GLY A 401 5.18 5.27 -7.12
N THR A 402 3.88 5.47 -7.26
CA THR A 402 2.96 5.21 -6.15
C THR A 402 2.84 3.72 -5.88
N PHE A 403 2.65 2.92 -6.92
CA PHE A 403 2.54 1.48 -6.75
C PHE A 403 3.81 0.89 -6.18
N THR A 404 4.96 1.44 -6.55
CA THR A 404 6.23 0.88 -6.10
C THR A 404 6.50 1.19 -4.64
N LEU A 405 6.38 2.46 -4.25
CA LEU A 405 6.72 2.82 -2.88
C LEU A 405 5.78 2.17 -1.88
N CYS A 406 4.56 1.83 -2.29
CA CYS A 406 3.63 1.24 -1.34
C CYS A 406 3.90 -0.24 -1.12
N TRP A 407 4.07 -1.00 -2.20
CA TRP A 407 4.17 -2.45 -2.04
C TRP A 407 5.58 -3.00 -2.15
N LEU A 408 6.46 -2.38 -2.92
CA LEU A 408 7.80 -2.96 -3.07
C LEU A 408 8.49 -3.13 -1.72
N PRO A 409 8.49 -2.15 -0.83
CA PRO A 409 9.16 -2.37 0.47
C PRO A 409 8.62 -3.56 1.23
N PHE A 410 7.32 -3.84 1.13
CA PHE A 410 6.77 -4.97 1.86
C PHE A 410 7.17 -6.30 1.24
N PHE A 411 6.97 -6.45 -0.07
CA PHE A 411 7.23 -7.74 -0.69
C PHE A 411 8.72 -8.08 -0.72
N ILE A 412 9.60 -7.07 -0.71
CA ILE A 412 11.01 -7.36 -0.45
C ILE A 412 11.17 -7.96 0.94
N VAL A 413 10.62 -7.26 1.94
CA VAL A 413 10.66 -7.75 3.32
C VAL A 413 9.90 -9.07 3.45
N ASN A 414 8.85 -9.25 2.64
CA ASN A 414 8.12 -10.50 2.71
C ASN A 414 9.01 -11.69 2.36
N ILE A 415 9.96 -11.47 1.44
CA ILE A 415 10.86 -12.56 1.06
C ILE A 415 11.96 -12.73 2.09
N VAL A 416 12.52 -11.62 2.59
CA VAL A 416 13.67 -11.71 3.49
C VAL A 416 13.29 -12.34 4.83
N HIS A 417 12.06 -12.16 5.30
CA HIS A 417 11.79 -12.60 6.66
C HIS A 417 11.72 -14.12 6.76
N VAL A 418 11.65 -14.83 5.62
CA VAL A 418 11.74 -16.28 5.59
C VAL A 418 13.07 -16.77 5.06
N ILE A 419 14.01 -15.87 4.75
CA ILE A 419 15.33 -16.29 4.28
C ILE A 419 16.29 -16.34 5.47
N GLN A 420 16.49 -15.21 6.12
CA GLN A 420 17.28 -15.13 7.36
C GLN A 420 16.35 -14.66 8.47
N ASP A 421 16.01 -15.56 9.38
CA ASP A 421 15.09 -15.20 10.45
C ASP A 421 15.74 -14.17 11.38
N ASN A 422 14.90 -13.54 12.19
CA ASN A 422 15.24 -12.36 12.99
C ASN A 422 16.20 -11.44 12.28
N LEU A 423 15.99 -11.20 10.98
CA LEU A 423 16.61 -10.07 10.31
C LEU A 423 15.64 -8.92 10.08
N ILE A 424 14.34 -9.19 10.09
CA ILE A 424 13.30 -8.19 9.86
C ILE A 424 12.40 -8.18 11.09
N ARG A 425 12.41 -7.06 11.82
CA ARG A 425 11.64 -6.98 13.05
C ARG A 425 10.15 -7.16 12.75
N LYS A 426 9.41 -7.77 13.70
CA LYS A 426 7.98 -7.92 13.49
C LYS A 426 7.32 -6.58 13.26
N GLU A 427 7.85 -5.54 13.92
CA GLU A 427 7.27 -4.21 13.81
C GLU A 427 7.34 -3.71 12.38
N VAL A 428 8.53 -3.82 11.76
CA VAL A 428 8.72 -3.27 10.42
C VAL A 428 7.88 -4.03 9.39
N TYR A 429 7.70 -5.34 9.58
CA TYR A 429 6.93 -6.12 8.62
C TYR A 429 5.47 -5.68 8.58
N ILE A 430 4.95 -5.20 9.71
CA ILE A 430 3.56 -4.75 9.74
C ILE A 430 3.44 -3.33 9.21
N LEU A 431 4.44 -2.49 9.45
CA LEU A 431 4.39 -1.12 8.95
C LEU A 431 4.46 -1.08 7.43
N LEU A 432 5.42 -1.80 6.84
CA LEU A 432 5.49 -1.85 5.38
C LEU A 432 4.25 -2.53 4.80
N ASN A 433 3.65 -3.45 5.56
CA ASN A 433 2.39 -4.04 5.12
C ASN A 433 1.27 -3.01 5.09
N TRP A 434 1.16 -2.21 6.16
CA TRP A 434 0.18 -1.13 6.16
C TRP A 434 0.51 -0.06 5.14
N ILE A 435 1.81 0.18 4.88
CA ILE A 435 2.16 1.11 3.82
C ILE A 435 1.69 0.59 2.48
N GLY A 436 1.55 -0.73 2.35
CA GLY A 436 0.91 -1.29 1.16
C GLY A 436 -0.61 -1.14 1.18
N TYR A 437 -1.22 -1.20 2.37
CA TYR A 437 -2.67 -1.13 2.45
C TYR A 437 -3.20 0.18 1.92
N VAL A 438 -2.43 1.27 2.08
CA VAL A 438 -2.89 2.59 1.67
C VAL A 438 -2.82 2.78 0.18
N ASN A 439 -2.23 1.83 -0.56
CA ASN A 439 -2.35 1.88 -2.01
C ASN A 439 -3.81 1.81 -2.43
N SER A 440 -4.65 1.10 -1.66
CA SER A 440 -6.05 0.96 -2.03
C SER A 440 -6.79 2.29 -1.98
N GLY A 441 -6.39 3.20 -1.08
CA GLY A 441 -6.95 4.54 -1.11
C GLY A 441 -6.35 5.43 -2.17
N PHE A 442 -5.08 5.22 -2.50
CA PHE A 442 -4.43 6.00 -3.54
C PHE A 442 -4.96 5.68 -4.93
N ASN A 443 -5.41 4.43 -5.16
CA ASN A 443 -5.79 4.04 -6.52
C ASN A 443 -6.90 4.90 -7.11
N PRO A 444 -8.01 5.17 -6.42
CA PRO A 444 -9.04 6.02 -7.03
C PRO A 444 -8.52 7.39 -7.42
N LEU A 445 -7.54 7.92 -6.69
CA LEU A 445 -6.95 9.21 -7.03
C LEU A 445 -5.98 9.14 -8.21
N ILE A 446 -5.70 7.95 -8.72
CA ILE A 446 -4.76 7.75 -9.83
C ILE A 446 -5.48 7.38 -11.11
N TYR A 447 -6.33 6.35 -11.06
CA TYR A 447 -6.89 5.74 -12.26
C TYR A 447 -8.27 6.26 -12.61
N CYS A 448 -8.75 7.28 -11.92
CA CYS A 448 -10.09 7.83 -12.17
C CYS A 448 -10.05 9.33 -12.38
N ARG A 449 -9.03 9.84 -13.07
CA ARG A 449 -8.90 11.27 -13.30
C ARG A 449 -9.49 11.72 -14.63
N SER A 450 -10.26 10.87 -15.30
CA SER A 450 -10.79 11.20 -16.62
C SER A 450 -11.88 12.27 -16.51
N PRO A 451 -12.10 13.05 -17.56
CA PRO A 451 -13.19 14.03 -17.55
C PRO A 451 -14.55 13.38 -17.32
N ASP A 452 -14.74 12.15 -17.78
CA ASP A 452 -15.99 11.46 -17.49
C ASP A 452 -16.12 11.13 -16.01
N PHE A 453 -15.07 10.57 -15.40
CA PHE A 453 -15.09 10.43 -13.95
C PHE A 453 -15.14 11.79 -13.27
N ARG A 454 -14.36 12.74 -13.76
CA ARG A 454 -14.30 14.03 -13.08
C ARG A 454 -15.69 14.68 -13.04
N ILE A 455 -16.55 14.37 -14.01
CA ILE A 455 -17.91 14.88 -13.99
C ILE A 455 -18.79 14.03 -13.09
N ALA A 456 -18.66 12.70 -13.16
CA ALA A 456 -19.53 11.85 -12.37
C ALA A 456 -19.30 12.09 -10.89
N PHE A 457 -18.07 12.39 -10.49
CA PHE A 457 -17.77 12.70 -9.10
C PHE A 457 -18.35 14.05 -8.70
N GLN A 458 -18.42 15.00 -9.64
CA GLN A 458 -18.98 16.31 -9.33
C GLN A 458 -20.49 16.23 -9.15
N GLU A 459 -21.15 15.36 -9.92
CA GLU A 459 -22.60 15.22 -9.84
C GLU A 459 -23.04 14.27 -8.75
N LEU A 460 -22.23 13.25 -8.43
CA LEU A 460 -22.58 12.34 -7.35
C LEU A 460 -22.57 13.02 -6.00
N LEU A 461 -21.79 14.11 -5.86
CA LEU A 461 -21.61 14.77 -4.56
C LEU A 461 -22.41 16.06 -4.44
N CYS A 462 -22.22 17.00 -5.38
CA CYS A 462 -22.89 18.30 -5.25
C CYS A 462 -24.37 18.20 -5.54
N LEU A 463 -24.74 17.64 -6.68
CA LEU A 463 -26.14 17.58 -7.09
C LEU A 463 -26.84 16.39 -6.44
N GLN B 1 -5.41 25.17 -25.24
CA GLN B 1 -4.50 25.78 -26.21
C GLN B 1 -4.20 24.81 -27.37
N VAL B 2 -5.17 23.98 -27.73
CA VAL B 2 -5.03 23.07 -28.87
C VAL B 2 -6.19 23.32 -29.81
N GLN B 3 -5.88 23.74 -31.03
CA GLN B 3 -6.88 24.11 -32.01
C GLN B 3 -6.89 23.14 -33.18
N LEU B 4 -8.07 23.01 -33.81
CA LEU B 4 -8.26 22.19 -35.00
C LEU B 4 -8.76 23.09 -36.12
N GLN B 5 -8.02 23.12 -37.22
CA GLN B 5 -8.32 23.96 -38.39
C GLN B 5 -8.72 23.08 -39.57
N GLU B 6 -10.00 22.76 -39.64
CA GLU B 6 -10.55 21.99 -40.76
C GLU B 6 -10.91 22.88 -41.94
N SER B 7 -10.83 22.32 -43.14
CA SER B 7 -10.99 23.08 -44.37
C SER B 7 -11.29 22.13 -45.52
N GLY B 8 -11.96 22.66 -46.54
CA GLY B 8 -12.22 21.91 -47.76
C GLY B 8 -13.61 21.36 -47.98
N GLY B 9 -14.60 21.79 -47.20
CA GLY B 9 -15.97 21.38 -47.40
C GLY B 9 -16.69 22.25 -48.42
N GLY B 10 -17.98 21.99 -48.58
CA GLY B 10 -18.83 22.82 -49.40
C GLY B 10 -19.84 22.00 -50.15
N LEU B 11 -20.47 22.65 -51.14
CA LEU B 11 -21.40 21.98 -52.04
C LEU B 11 -20.63 21.09 -53.02
N VAL B 12 -21.24 19.97 -53.39
CA VAL B 12 -20.64 19.11 -54.40
C VAL B 12 -21.74 18.27 -55.05
N GLN B 13 -21.63 18.07 -56.36
CA GLN B 13 -22.58 17.25 -57.09
C GLN B 13 -22.41 15.79 -56.73
N ALA B 14 -23.50 15.03 -56.85
CA ALA B 14 -23.46 13.61 -56.49
C ALA B 14 -22.43 12.88 -57.36
N GLY B 15 -21.64 12.02 -56.71
CA GLY B 15 -20.57 11.33 -57.38
C GLY B 15 -19.26 12.09 -57.48
N GLY B 16 -19.22 13.32 -56.97
CA GLY B 16 -18.02 14.13 -57.01
C GLY B 16 -17.08 13.77 -55.88
N SER B 17 -16.07 14.63 -55.70
CA SER B 17 -15.02 14.35 -54.73
C SER B 17 -14.55 15.64 -54.07
N LEU B 18 -14.16 15.51 -52.81
CA LEU B 18 -13.68 16.62 -52.00
C LEU B 18 -12.48 16.14 -51.19
N ARG B 19 -11.73 17.09 -50.66
CA ARG B 19 -10.64 16.79 -49.74
C ARG B 19 -10.80 17.64 -48.49
N LEU B 20 -11.04 16.98 -47.37
CA LEU B 20 -11.05 17.64 -46.07
C LEU B 20 -9.64 17.61 -45.50
N SER B 21 -9.27 18.68 -44.80
CA SER B 21 -7.97 18.74 -44.15
C SER B 21 -8.15 19.36 -42.77
N CYS B 22 -7.25 19.00 -41.86
CA CYS B 22 -7.35 19.43 -40.48
C CYS B 22 -5.94 19.63 -39.93
N ALA B 23 -5.61 20.86 -39.56
CA ALA B 23 -4.29 21.20 -39.05
C ALA B 23 -4.37 21.38 -37.54
N ALA B 24 -3.66 20.53 -36.80
CA ALA B 24 -3.65 20.58 -35.35
C ALA B 24 -2.62 21.58 -34.85
N SER B 25 -3.04 22.48 -33.97
CA SER B 25 -2.19 23.54 -33.46
C SER B 25 -1.89 23.30 -31.98
N GLY B 26 -0.64 23.53 -31.60
CA GLY B 26 -0.20 23.32 -30.24
C GLY B 26 0.31 21.91 -29.99
N SER B 27 0.90 21.73 -28.81
CA SER B 27 1.51 20.45 -28.48
C SER B 27 0.47 19.36 -28.39
N ILE B 28 0.84 18.16 -28.85
CA ILE B 28 0.01 16.97 -28.73
C ILE B 28 0.92 15.79 -28.43
N PHE B 29 0.43 14.86 -27.62
CA PHE B 29 1.21 13.69 -27.26
C PHE B 29 1.41 12.79 -28.49
N ALA B 30 2.56 12.13 -28.54
CA ALA B 30 2.98 11.42 -29.74
C ALA B 30 2.01 10.31 -30.12
N LEU B 31 1.32 9.74 -29.14
CA LEU B 31 0.38 8.65 -29.36
C LEU B 31 -1.04 9.20 -29.34
N ASN B 32 -1.72 9.17 -30.48
CA ASN B 32 -3.00 9.86 -30.63
C ASN B 32 -3.70 9.36 -31.88
N ILE B 33 -4.99 9.68 -31.99
CA ILE B 33 -5.82 9.31 -33.12
C ILE B 33 -6.50 10.55 -33.67
N MET B 34 -6.18 10.92 -34.90
CA MET B 34 -6.93 11.93 -35.63
C MET B 34 -7.94 11.28 -36.54
N GLY B 35 -9.03 11.99 -36.80
CA GLY B 35 -10.09 11.42 -37.60
C GLY B 35 -11.21 12.42 -37.78
N TRP B 36 -12.30 11.91 -38.36
CA TRP B 36 -13.45 12.73 -38.73
C TRP B 36 -14.71 11.97 -38.33
N TYR B 37 -15.57 12.60 -37.53
CA TYR B 37 -16.94 12.15 -37.39
C TYR B 37 -17.86 13.10 -38.14
N ARG B 38 -19.10 12.64 -38.35
CA ARG B 38 -20.13 13.42 -39.04
C ARG B 38 -21.48 13.17 -38.38
N GLN B 39 -22.34 14.18 -38.40
CA GLN B 39 -23.76 14.02 -38.07
C GLN B 39 -24.58 14.23 -39.33
N ALA B 40 -25.22 13.16 -39.79
CA ALA B 40 -26.22 13.27 -40.85
C ALA B 40 -27.47 13.94 -40.31
N PRO B 41 -28.30 14.51 -41.19
CA PRO B 41 -29.54 15.11 -40.72
C PRO B 41 -30.40 14.06 -40.02
N GLY B 42 -31.00 14.45 -38.90
CA GLY B 42 -31.78 13.52 -38.12
C GLY B 42 -30.96 12.49 -37.36
N LYS B 43 -29.80 12.12 -37.89
CA LYS B 43 -28.97 11.06 -37.34
C LYS B 43 -28.00 11.58 -36.29
N GLN B 44 -27.39 10.63 -35.58
CA GLN B 44 -26.45 10.89 -34.48
C GLN B 44 -25.00 10.80 -34.94
N ARG B 45 -24.10 11.32 -34.10
CA ARG B 45 -22.70 11.46 -34.46
C ARG B 45 -22.08 10.09 -34.77
N GLU B 46 -21.15 10.08 -35.73
CA GLU B 46 -20.69 8.84 -36.33
C GLU B 46 -19.22 8.94 -36.72
N LEU B 47 -18.46 7.88 -36.43
CA LEU B 47 -17.11 7.81 -36.96
C LEU B 47 -17.15 7.67 -38.47
N VAL B 48 -16.28 8.40 -39.15
CA VAL B 48 -16.11 8.29 -40.61
C VAL B 48 -14.76 7.69 -40.95
N ALA B 49 -13.68 8.37 -40.59
CA ALA B 49 -12.34 7.87 -40.84
C ALA B 49 -11.45 8.24 -39.66
N ALA B 50 -10.47 7.38 -39.38
CA ALA B 50 -9.56 7.61 -38.27
C ALA B 50 -8.20 7.07 -38.63
N ILE B 51 -7.15 7.76 -38.17
CA ILE B 51 -5.77 7.36 -38.43
C ILE B 51 -4.99 7.48 -37.13
N HIS B 52 -4.38 6.38 -36.69
CA HIS B 52 -3.51 6.40 -35.53
C HIS B 52 -2.21 7.12 -35.86
N SER B 53 -1.57 7.66 -34.81
CA SER B 53 -0.33 8.42 -35.02
C SER B 53 0.75 7.57 -35.67
N GLY B 54 0.68 6.24 -35.55
CA GLY B 54 1.61 5.38 -36.24
C GLY B 54 1.31 5.17 -37.71
N GLY B 55 0.02 5.19 -38.08
CA GLY B 55 -0.33 5.02 -39.48
C GLY B 55 -1.53 4.13 -39.75
N THR B 56 -1.80 3.17 -38.87
CA THR B 56 -2.95 2.31 -39.07
C THR B 56 -4.24 3.14 -39.03
N THR B 57 -5.22 2.71 -39.81
CA THR B 57 -6.44 3.50 -40.01
C THR B 57 -7.68 2.67 -39.73
N ASN B 58 -8.82 3.37 -39.61
CA ASN B 58 -10.11 2.77 -39.37
C ASN B 58 -11.17 3.58 -40.11
N TYR B 59 -12.12 2.88 -40.72
CA TYR B 59 -13.20 3.50 -41.46
C TYR B 59 -14.53 2.89 -41.03
N ALA B 60 -15.61 3.63 -41.26
CA ALA B 60 -16.96 3.16 -41.03
C ALA B 60 -17.39 2.19 -42.13
N ASN B 61 -18.45 1.42 -41.84
CA ASN B 61 -18.91 0.44 -42.81
C ASN B 61 -19.31 1.10 -44.14
N SER B 62 -19.90 2.28 -44.09
CA SER B 62 -20.47 2.87 -45.30
C SER B 62 -19.42 3.44 -46.25
N VAL B 63 -18.23 3.80 -45.76
CA VAL B 63 -17.27 4.56 -46.56
C VAL B 63 -16.05 3.74 -46.95
N LYS B 64 -15.94 2.48 -46.51
CA LYS B 64 -14.80 1.67 -46.91
C LYS B 64 -14.77 1.53 -48.43
N GLY B 65 -13.58 1.69 -49.00
CA GLY B 65 -13.40 1.70 -50.43
C GLY B 65 -13.75 3.00 -51.10
N ARG B 66 -14.61 3.81 -50.49
CA ARG B 66 -15.00 5.10 -51.03
C ARG B 66 -14.20 6.25 -50.43
N PHE B 67 -14.02 6.27 -49.10
CA PHE B 67 -13.20 7.27 -48.43
C PHE B 67 -11.81 6.74 -48.12
N THR B 68 -10.85 7.66 -48.02
CA THR B 68 -9.47 7.33 -47.70
C THR B 68 -8.85 8.45 -46.88
N ILE B 69 -8.09 8.06 -45.87
CA ILE B 69 -7.46 8.99 -44.93
C ILE B 69 -5.96 8.81 -44.98
N SER B 70 -5.25 9.89 -44.71
CA SER B 70 -3.78 9.90 -44.74
C SER B 70 -3.31 11.05 -43.88
N ARG B 71 -2.12 10.90 -43.28
CA ARG B 71 -1.50 11.99 -42.57
C ARG B 71 -0.44 12.73 -43.40
N ASP B 72 -0.20 13.96 -42.99
CA ASP B 72 0.90 14.78 -43.47
C ASP B 72 2.24 14.24 -42.98
N ASN B 73 3.30 14.61 -43.71
CA ASN B 73 4.65 14.13 -43.42
C ASN B 73 5.01 14.34 -41.95
N ALA B 74 4.84 15.57 -41.46
CA ALA B 74 5.06 15.85 -40.04
C ALA B 74 4.50 17.22 -39.69
N ALA B 75 3.18 17.30 -39.54
CA ALA B 75 2.56 18.57 -39.18
C ALA B 75 1.33 18.39 -38.29
N ASN B 76 1.04 17.20 -37.79
CA ASN B 76 -0.23 16.91 -37.12
C ASN B 76 -1.42 17.31 -37.99
N THR B 77 -1.23 17.24 -39.32
CA THR B 77 -2.26 17.52 -40.29
C THR B 77 -2.76 16.23 -40.93
N VAL B 78 -4.06 16.18 -41.25
CA VAL B 78 -4.67 14.99 -41.81
C VAL B 78 -5.59 15.39 -42.95
N TYR B 79 -5.73 14.49 -43.93
CA TYR B 79 -6.53 14.72 -45.13
C TYR B 79 -7.50 13.56 -45.29
N LEU B 80 -8.80 13.87 -45.31
CA LEU B 80 -9.83 12.87 -45.62
C LEU B 80 -10.31 13.09 -47.05
N GLN B 81 -9.78 12.31 -48.00
CA GLN B 81 -10.26 12.39 -49.37
C GLN B 81 -11.51 11.53 -49.52
N MET B 82 -12.57 12.12 -50.08
CA MET B 82 -13.88 11.50 -50.17
C MET B 82 -14.27 11.44 -51.65
N ASN B 83 -14.39 10.23 -52.17
CA ASN B 83 -14.67 9.99 -53.58
C ASN B 83 -16.05 9.38 -53.75
N SER B 84 -16.60 9.55 -54.95
CA SER B 84 -17.85 8.90 -55.33
C SER B 84 -18.91 9.05 -54.23
N LEU B 85 -19.29 10.30 -53.99
CA LEU B 85 -20.16 10.62 -52.88
C LEU B 85 -21.58 10.12 -53.12
N LYS B 86 -22.33 10.07 -52.03
CA LYS B 86 -23.73 9.68 -51.99
C LYS B 86 -24.50 10.79 -51.28
N PRO B 87 -25.82 10.87 -51.49
CA PRO B 87 -26.63 11.77 -50.66
C PRO B 87 -26.56 11.44 -49.17
N GLU B 88 -26.38 10.17 -48.80
CA GLU B 88 -26.26 9.83 -47.39
C GLU B 88 -25.08 10.54 -46.72
N ASP B 89 -24.07 10.92 -47.49
CA ASP B 89 -22.86 11.51 -46.93
C ASP B 89 -23.02 12.99 -46.61
N THR B 90 -24.19 13.57 -46.85
CA THR B 90 -24.46 14.93 -46.40
C THR B 90 -24.50 14.97 -44.87
N ALA B 91 -23.57 15.71 -44.28
CA ALA B 91 -23.47 15.81 -42.83
C ALA B 91 -22.48 16.92 -42.50
N VAL B 92 -22.42 17.27 -41.22
CA VAL B 92 -21.38 18.15 -40.71
C VAL B 92 -20.22 17.25 -40.26
N TYR B 93 -19.05 17.44 -40.85
CA TYR B 93 -17.88 16.65 -40.50
C TYR B 93 -17.03 17.40 -39.48
N TYR B 94 -16.79 16.76 -38.34
CA TYR B 94 -15.96 17.30 -37.27
C TYR B 94 -14.60 16.62 -37.30
N CYS B 95 -13.54 17.41 -37.32
CA CYS B 95 -12.22 16.86 -37.09
C CYS B 95 -12.08 16.48 -35.62
N ASN B 96 -11.40 15.36 -35.35
CA ASN B 96 -11.27 14.89 -33.98
C ASN B 96 -9.85 14.42 -33.71
N VAL B 97 -9.37 14.70 -32.50
CA VAL B 97 -8.06 14.28 -32.02
C VAL B 97 -8.27 13.64 -30.65
N LYS B 98 -7.88 12.38 -30.51
CA LYS B 98 -7.94 11.69 -29.23
C LYS B 98 -6.52 11.58 -28.69
N ASP B 99 -6.25 12.35 -27.63
CA ASP B 99 -4.93 12.41 -27.04
C ASP B 99 -4.82 11.43 -25.88
N PHE B 100 -3.69 10.73 -25.81
CA PHE B 100 -3.46 9.65 -24.85
C PHE B 100 -2.53 10.05 -23.71
N GLY B 101 -2.28 11.36 -23.53
CA GLY B 101 -1.19 11.77 -22.65
C GLY B 101 -1.38 11.32 -21.22
N ALA B 102 -2.60 11.43 -20.69
CA ALA B 102 -2.92 10.83 -19.40
C ALA B 102 -3.23 9.37 -19.67
N ILE B 103 -2.29 8.49 -19.32
CA ILE B 103 -2.25 7.18 -19.96
C ILE B 103 -3.54 6.39 -19.73
N ILE B 104 -4.24 6.67 -18.63
CA ILE B 104 -5.37 5.82 -18.30
C ILE B 104 -6.61 6.18 -19.14
N TYR B 105 -6.83 7.46 -19.46
CA TYR B 105 -7.94 7.82 -20.33
C TYR B 105 -7.43 8.54 -21.57
N ASP B 106 -8.35 8.72 -22.52
CA ASP B 106 -8.15 9.55 -23.69
C ASP B 106 -8.86 10.88 -23.53
N TYR B 107 -8.24 11.94 -24.07
CA TYR B 107 -8.78 13.30 -24.09
C TYR B 107 -9.16 13.65 -25.52
N ASP B 108 -10.40 14.08 -25.74
CA ASP B 108 -10.78 14.51 -27.08
C ASP B 108 -10.55 16.00 -27.32
N TYR B 109 -10.27 16.32 -28.57
CA TYR B 109 -10.37 17.65 -29.12
C TYR B 109 -11.25 17.55 -30.36
N TRP B 110 -11.85 18.67 -30.77
CA TRP B 110 -12.80 18.65 -31.87
C TRP B 110 -12.64 19.92 -32.69
N GLY B 111 -13.20 19.91 -33.90
CA GLY B 111 -13.20 21.07 -34.76
C GLY B 111 -14.55 21.79 -34.76
N GLN B 112 -14.56 22.97 -35.39
CA GLN B 112 -15.79 23.75 -35.48
C GLN B 112 -16.88 22.98 -36.21
N GLY B 113 -16.50 22.09 -37.10
CA GLY B 113 -17.37 21.42 -38.04
C GLY B 113 -17.33 22.11 -39.40
N THR B 114 -17.60 21.33 -40.45
CA THR B 114 -17.70 21.85 -41.80
C THR B 114 -18.82 21.14 -42.52
N GLN B 115 -19.73 21.92 -43.11
CA GLN B 115 -20.89 21.36 -43.79
C GLN B 115 -20.47 20.73 -45.12
N VAL B 116 -21.17 19.64 -45.48
CA VAL B 116 -20.97 18.96 -46.76
C VAL B 116 -22.32 18.44 -47.25
N THR B 117 -22.84 19.03 -48.32
CA THR B 117 -24.12 18.65 -48.89
C THR B 117 -23.92 18.09 -50.30
N VAL B 118 -24.69 17.04 -50.61
CA VAL B 118 -24.56 16.31 -51.88
C VAL B 118 -25.94 16.26 -52.53
N SER B 119 -26.06 16.81 -53.73
CA SER B 119 -27.33 16.88 -54.44
C SER B 119 -27.52 15.65 -55.33
N SER B 120 -28.66 14.99 -55.20
CA SER B 120 -28.94 13.76 -55.93
C SER B 120 -29.09 14.01 -57.43
#